data_7LL5
#
_entry.id   7LL5
#
_cell.length_a   114.297
_cell.length_b   68.970
_cell.length_c   49.629
_cell.angle_alpha   90.000
_cell.angle_beta   98.020
_cell.angle_gamma   90.000
#
_symmetry.space_group_name_H-M   'C 1 2 1'
#
loop_
_entity.id
_entity.type
_entity.pdbx_description
1 polymer 'Tyrosine-protein kinase JAK2'
2 non-polymer 1,2-ETHANEDIOL
3 non-polymer {1-(ethylsulfonyl)-3-[4-(2-{[4-(1-methylpiperidin-4-yl)phenyl]amino}-7H-pyrrolo[2,3-d]pyrimidin-4-yl)-1H-pyrazol-1-yl]azetidin-3-yl}acetonitrile
4 water water
#
_entity_poly.entity_id   1
_entity_poly.type   'polypeptide(L)'
_entity_poly.pdbx_seq_one_letter_code
;DPTQFEERHLKFLQQLGKGNFGSVEMCRYDPLQDNTGEVVAVKKLQHSTEEHLRDFEREIEILKSLQHDNIVKYKGVCYS
AGRRNLKLIMEYLPYGSLRDYLQKHKERIDHIKLLQYTSQICKGMEYLGTKRYIHRDLATRNILVENENRVKIGDFGLTK
VLPQDKE(PTR)YKVKEPGESPIFWYAPESLTESKFSVASDVWSFGVVLYELFTYIEKSKSPPAEFMRMIGNDKQGQMIV
FHLIELLKNNGRLPRPDGCPDEIYMIMTECWNNNVNQRPSFRDLALRVDQIRDNMAG
;
_entity_poly.pdbx_strand_id   A
#
loop_
_chem_comp.id
_chem_comp.type
_chem_comp.name
_chem_comp.formula
EDO non-polymer 1,2-ETHANEDIOL 'C2 H6 O2'
Y5G non-polymer {1-(ethylsulfonyl)-3-[4-(2-{[4-(1-methylpiperidin-4-yl)phenyl]amino}-7H-pyrrolo[2,3-d]pyrimidin-4-yl)-1H-pyrazol-1-yl]azetidin-3-yl}acetonitrile 'C28 H33 N9 O2 S'
#
# COMPACT_ATOMS: atom_id res chain seq x y z
N ASP A 1 -19.55 3.16 17.70
CA ASP A 1 -20.95 3.52 17.78
C ASP A 1 -21.75 2.83 16.69
N PRO A 2 -22.56 1.83 17.09
CA PRO A 2 -23.33 1.07 16.08
C PRO A 2 -24.51 1.82 15.49
N THR A 3 -24.81 3.02 15.99
CA THR A 3 -25.91 3.82 15.48
C THR A 3 -25.46 4.87 14.49
N GLN A 4 -24.14 4.98 14.25
CA GLN A 4 -23.64 6.06 13.40
C GLN A 4 -23.95 5.79 11.93
N PHE A 5 -23.67 4.57 11.45
CA PHE A 5 -23.98 4.22 10.07
C PHE A 5 -24.95 3.06 10.11
N GLU A 6 -26.25 3.39 10.02
CA GLU A 6 -27.29 2.38 10.03
C GLU A 6 -27.41 1.75 8.65
N GLU A 7 -27.49 0.42 8.60
CA GLU A 7 -27.44 -0.27 7.32
C GLU A 7 -28.60 0.15 6.41
N ARG A 8 -29.76 0.48 6.99
CA ARG A 8 -30.92 0.82 6.16
C ARG A 8 -30.74 2.13 5.42
N HIS A 9 -29.83 3.00 5.85
CA HIS A 9 -29.60 4.28 5.19
C HIS A 9 -28.34 4.29 4.35
N LEU A 10 -27.64 3.16 4.24
CA LEU A 10 -26.38 3.07 3.50
C LEU A 10 -26.71 2.44 2.16
N LYS A 11 -26.72 3.26 1.11
CA LYS A 11 -27.18 2.85 -0.20
C LYS A 11 -26.02 2.65 -1.19
N PHE A 12 -26.00 1.48 -1.82
CA PHE A 12 -24.98 1.15 -2.80
C PHE A 12 -25.12 1.98 -4.07
N LEU A 13 -23.98 2.43 -4.60
CA LEU A 13 -23.93 3.16 -5.86
C LEU A 13 -23.09 2.43 -6.90
N GLN A 14 -21.80 2.18 -6.61
CA GLN A 14 -20.88 1.64 -7.63
C GLN A 14 -19.84 0.74 -6.98
N GLN A 15 -19.30 -0.22 -7.72
CA GLN A 15 -18.12 -0.95 -7.25
C GLN A 15 -16.86 -0.12 -7.53
N LEU A 16 -15.95 -0.05 -6.55
CA LEU A 16 -14.69 0.71 -6.67
C LEU A 16 -13.46 -0.17 -6.76
N GLY A 17 -13.45 -1.29 -6.05
CA GLY A 17 -12.31 -2.19 -6.06
C GLY A 17 -12.76 -3.54 -5.59
N LYS A 18 -12.03 -4.58 -6.00
CA LYS A 18 -12.39 -5.91 -5.54
C LYS A 18 -11.21 -6.86 -5.65
N GLY A 19 -11.18 -7.82 -4.72
CA GLY A 19 -10.15 -8.84 -4.68
C GLY A 19 -10.71 -10.14 -4.17
N ASN A 20 -9.82 -11.10 -3.87
CA ASN A 20 -10.28 -12.43 -3.46
C ASN A 20 -10.99 -12.41 -2.11
N PHE A 21 -10.57 -11.51 -1.22
CA PHE A 21 -11.05 -11.54 0.15
C PHE A 21 -11.68 -10.23 0.59
N GLY A 22 -11.87 -9.27 -0.31
CA GLY A 22 -12.47 -8.02 0.12
C GLY A 22 -12.87 -7.20 -1.08
N SER A 23 -13.68 -6.17 -0.82
CA SER A 23 -14.09 -5.28 -1.88
C SER A 23 -14.45 -3.93 -1.27
N VAL A 24 -14.38 -2.88 -2.11
CA VAL A 24 -14.73 -1.53 -1.70
C VAL A 24 -15.79 -1.00 -2.66
N GLU A 25 -16.86 -0.45 -2.09
CA GLU A 25 -17.96 0.09 -2.84
C GLU A 25 -18.21 1.55 -2.51
N MET A 26 -18.64 2.29 -3.53
CA MET A 26 -19.13 3.65 -3.40
C MET A 26 -20.59 3.59 -2.97
N CYS A 27 -20.88 4.24 -1.84
CA CYS A 27 -22.20 4.24 -1.23
C CYS A 27 -22.56 5.67 -0.85
N ARG A 28 -23.84 5.88 -0.59
CA ARG A 28 -24.37 7.16 -0.16
C ARG A 28 -25.04 6.93 1.19
N TYR A 29 -24.70 7.75 2.18
CA TYR A 29 -25.33 7.66 3.49
C TYR A 29 -26.29 8.84 3.61
N ASP A 30 -27.59 8.51 3.56
CA ASP A 30 -28.69 9.46 3.55
C ASP A 30 -29.62 9.11 4.69
N PRO A 31 -29.28 9.53 5.91
CA PRO A 31 -30.20 9.25 7.02
C PRO A 31 -31.51 10.02 6.90
N LEU A 32 -31.48 11.25 6.39
CA LEU A 32 -32.68 12.05 6.19
C LEU A 32 -33.35 11.73 4.86
N GLN A 33 -32.83 10.75 4.12
CA GLN A 33 -33.50 10.16 2.97
C GLN A 33 -33.95 11.18 1.93
N ASP A 34 -33.54 12.43 2.07
CA ASP A 34 -34.14 13.48 1.26
C ASP A 34 -33.38 14.79 1.49
N GLY A 37 -27.05 13.72 1.95
CA GLY A 37 -26.27 12.56 2.31
C GLY A 37 -24.90 12.52 1.67
N GLU A 38 -23.93 11.96 2.38
CA GLU A 38 -22.54 11.98 1.93
C GLU A 38 -22.22 10.72 1.15
N VAL A 39 -21.41 10.88 0.11
CA VAL A 39 -20.81 9.74 -0.58
C VAL A 39 -19.62 9.26 0.25
N VAL A 40 -19.56 7.96 0.47
CA VAL A 40 -18.51 7.32 1.27
C VAL A 40 -18.03 6.06 0.57
N ALA A 41 -16.87 5.57 1.00
CA ALA A 41 -16.35 4.30 0.55
C ALA A 41 -16.56 3.27 1.66
N VAL A 42 -16.99 2.08 1.28
CA VAL A 42 -17.34 1.01 2.21
C VAL A 42 -16.55 -0.24 1.85
N LYS A 43 -15.72 -0.73 2.78
CA LYS A 43 -14.98 -1.98 2.62
C LYS A 43 -15.74 -3.12 3.30
N LYS A 44 -15.89 -4.22 2.59
CA LYS A 44 -16.50 -5.43 3.14
C LYS A 44 -15.61 -6.61 2.81
N LEU A 45 -15.80 -7.70 3.57
CA LEU A 45 -15.09 -8.95 3.25
C LEU A 45 -15.75 -9.66 2.07
N GLN A 46 -14.98 -10.56 1.43
CA GLN A 46 -15.51 -11.55 0.50
C GLN A 46 -14.92 -12.88 0.94
N HIS A 47 -15.71 -13.95 0.80
CA HIS A 47 -15.25 -15.28 1.23
C HIS A 47 -14.76 -15.24 2.67
N SER A 48 -15.63 -14.70 3.52
CA SER A 48 -15.32 -14.43 4.92
C SER A 48 -15.25 -15.73 5.72
N THR A 49 -14.47 -15.67 6.79
CA THR A 49 -14.36 -16.72 7.79
C THR A 49 -14.22 -16.03 9.15
N GLU A 50 -14.37 -16.81 10.22
CA GLU A 50 -14.14 -16.25 11.55
C GLU A 50 -12.73 -15.67 11.66
N GLU A 51 -11.73 -16.35 11.10
CA GLU A 51 -10.37 -15.83 11.13
C GLU A 51 -10.27 -14.51 10.37
N HIS A 52 -10.85 -14.47 9.17
CA HIS A 52 -10.80 -13.24 8.37
C HIS A 52 -11.54 -12.11 9.05
N LEU A 53 -12.69 -12.40 9.68
CA LEU A 53 -13.44 -11.39 10.38
C LEU A 53 -12.66 -10.85 11.58
N ARG A 54 -11.95 -11.72 12.29
CA ARG A 54 -11.11 -11.23 13.38
C ARG A 54 -9.98 -10.35 12.86
N ASP A 55 -9.34 -10.76 11.76
CA ASP A 55 -8.33 -9.92 11.13
C ASP A 55 -8.91 -8.58 10.69
N PHE A 56 -10.16 -8.60 10.19
CA PHE A 56 -10.82 -7.38 9.73
C PHE A 56 -11.09 -6.44 10.92
N GLU A 57 -11.52 -7.01 12.05
CA GLU A 57 -11.67 -6.20 13.26
C GLU A 57 -10.36 -5.52 13.65
N ARG A 58 -9.23 -6.24 13.56
CA ARG A 58 -7.92 -5.65 13.85
C ARG A 58 -7.59 -4.53 12.86
N GLU A 59 -7.92 -4.75 11.57
CA GLU A 59 -7.67 -3.75 10.54
C GLU A 59 -8.47 -2.48 10.80
N ILE A 60 -9.72 -2.63 11.17
CA ILE A 60 -10.57 -1.50 11.50
C ILE A 60 -9.98 -0.74 12.68
N GLU A 61 -9.55 -1.48 13.72
CA GLU A 61 -8.97 -0.78 14.86
C GLU A 61 -7.70 -0.03 14.45
N ILE A 62 -6.92 -0.64 13.55
CA ILE A 62 -5.72 0.05 13.07
C ILE A 62 -6.08 1.36 12.38
N LEU A 63 -7.01 1.31 11.43
CA LEU A 63 -7.35 2.52 10.69
C LEU A 63 -7.94 3.58 11.60
N LYS A 64 -8.82 3.19 12.54
CA LYS A 64 -9.43 4.14 13.47
C LYS A 64 -8.38 4.89 14.26
N SER A 65 -7.24 4.26 14.55
CA SER A 65 -6.19 4.85 15.37
C SER A 65 -5.32 5.81 14.57
N LEU A 66 -5.49 5.90 13.27
CA LEU A 66 -4.61 6.70 12.41
C LEU A 66 -5.32 7.99 12.02
N GLN A 67 -4.67 9.13 12.24
CA GLN A 67 -5.20 10.41 11.76
C GLN A 67 -4.02 11.17 11.17
N HIS A 68 -3.96 11.24 9.84
CA HIS A 68 -2.80 11.86 9.17
C HIS A 68 -3.24 12.27 7.77
N ASP A 69 -2.67 13.38 7.27
CA ASP A 69 -3.03 13.87 5.93
C ASP A 69 -2.86 12.83 4.81
N ASN A 70 -1.94 11.88 4.96
CA ASN A 70 -1.62 10.94 3.91
C ASN A 70 -2.06 9.51 4.25
N ILE A 71 -3.10 9.42 5.08
CA ILE A 71 -3.79 8.17 5.40
C ILE A 71 -5.28 8.36 5.21
N VAL A 72 -5.91 7.45 4.46
CA VAL A 72 -7.34 7.61 4.19
C VAL A 72 -8.11 7.69 5.52
N LYS A 73 -9.15 8.53 5.56
CA LYS A 73 -9.84 8.86 6.80
C LYS A 73 -10.85 7.78 7.14
N TYR A 74 -10.76 7.23 8.36
CA TYR A 74 -11.81 6.40 8.95
C TYR A 74 -13.03 7.28 9.24
N LYS A 75 -14.21 6.82 8.90
CA LYS A 75 -15.46 7.44 9.29
C LYS A 75 -16.24 6.62 10.30
N GLY A 76 -16.21 5.31 10.24
CA GLY A 76 -17.00 4.52 11.15
C GLY A 76 -17.15 3.09 10.67
N VAL A 77 -18.10 2.40 11.31
CA VAL A 77 -18.39 1.01 11.01
C VAL A 77 -19.91 0.87 10.86
N CYS A 78 -20.32 0.04 9.92
CA CYS A 78 -21.71 -0.38 9.82
C CYS A 78 -21.79 -1.83 10.29
N TYR A 79 -22.56 -2.07 11.37
CA TYR A 79 -22.78 -3.42 11.87
C TYR A 79 -24.03 -3.93 11.16
N SER A 80 -23.81 -4.45 9.96
CA SER A 80 -24.89 -4.80 9.05
C SER A 80 -25.43 -6.17 9.40
N ALA A 81 -26.39 -6.63 8.63
CA ALA A 81 -27.04 -7.92 8.85
C ALA A 81 -27.59 -8.04 10.28
N GLY A 82 -28.25 -6.98 10.74
CA GLY A 82 -28.78 -7.04 12.09
C GLY A 82 -27.74 -7.05 13.20
N ARG A 83 -26.63 -6.33 13.00
CA ARG A 83 -25.49 -6.30 13.90
C ARG A 83 -24.83 -7.65 14.06
N ARG A 84 -24.76 -8.42 12.97
CA ARG A 84 -24.08 -9.71 12.91
C ARG A 84 -23.02 -9.76 11.80
N ASN A 85 -22.60 -8.60 11.32
CA ASN A 85 -21.55 -8.49 10.31
C ASN A 85 -20.94 -7.13 10.47
N LEU A 86 -19.82 -6.93 9.78
CA LEU A 86 -19.02 -5.72 9.88
C LEU A 86 -18.71 -5.17 8.49
N LYS A 87 -18.82 -3.85 8.33
CA LYS A 87 -18.32 -3.16 7.14
C LYS A 87 -17.65 -1.87 7.59
N LEU A 88 -16.52 -1.55 6.96
CA LEU A 88 -15.71 -0.38 7.32
C LEU A 88 -16.05 0.80 6.45
N ILE A 89 -16.33 1.96 7.06
CA ILE A 89 -16.75 3.15 6.35
C ILE A 89 -15.59 4.14 6.35
N MET A 90 -15.29 4.70 5.18
CA MET A 90 -14.12 5.51 4.95
C MET A 90 -14.50 6.68 4.08
N GLU A 91 -13.69 7.74 4.10
CA GLU A 91 -13.90 8.80 3.11
C GLU A 91 -13.75 8.22 1.70
N TYR A 92 -14.51 8.81 0.78
CA TYR A 92 -14.41 8.51 -0.64
C TYR A 92 -13.38 9.45 -1.26
N LEU A 93 -12.36 8.87 -1.89
CA LEU A 93 -11.33 9.68 -2.52
C LEU A 93 -11.60 9.71 -4.02
N PRO A 94 -11.89 10.86 -4.62
CA PRO A 94 -12.52 10.86 -5.94
C PRO A 94 -11.66 10.37 -7.10
N TYR A 95 -10.33 10.33 -7.01
CA TYR A 95 -9.55 9.94 -8.19
C TYR A 95 -9.05 8.50 -8.15
N GLY A 96 -9.43 7.71 -7.14
CA GLY A 96 -9.19 6.26 -7.14
C GLY A 96 -7.72 5.92 -6.86
N SER A 97 -7.32 4.73 -7.29
CA SER A 97 -5.99 4.26 -6.96
C SER A 97 -4.93 4.99 -7.78
N LEU A 98 -3.77 5.20 -7.16
CA LEU A 98 -2.69 5.88 -7.84
C LEU A 98 -2.21 5.05 -9.03
N ARG A 99 -2.27 3.72 -8.91
CA ARG A 99 -1.86 2.88 -10.03
C ARG A 99 -2.64 3.22 -11.29
N ASP A 100 -3.96 3.40 -11.16
CA ASP A 100 -4.78 3.70 -12.33
C ASP A 100 -4.65 5.15 -12.75
N TYR A 101 -4.50 6.02 -11.75
CA TYR A 101 -4.37 7.46 -12.00
C TYR A 101 -3.11 7.79 -12.79
N LEU A 102 -2.01 7.15 -12.44
CA LEU A 102 -0.72 7.37 -13.13
C LEU A 102 -0.87 6.95 -14.60
N GLN A 103 -1.52 5.82 -14.88
CA GLN A 103 -1.70 5.36 -16.25
C GLN A 103 -2.57 6.34 -17.01
N LYS A 104 -3.66 6.76 -16.39
CA LYS A 104 -4.62 7.63 -17.06
C LYS A 104 -4.06 9.01 -17.33
N HIS A 105 -3.18 9.49 -16.45
CA HIS A 105 -2.73 10.88 -16.51
C HIS A 105 -1.22 11.04 -16.66
N LYS A 106 -0.51 10.00 -17.11
CA LYS A 106 0.94 10.11 -17.19
C LYS A 106 1.38 11.30 -18.01
N GLU A 107 0.57 11.74 -18.97
CA GLU A 107 1.01 12.82 -19.84
C GLU A 107 1.09 14.17 -19.14
N ARG A 108 0.47 14.32 -17.96
CA ARG A 108 0.61 15.56 -17.19
C ARG A 108 1.39 15.38 -15.89
N ILE A 109 2.04 14.24 -15.69
CA ILE A 109 2.75 13.91 -14.45
C ILE A 109 4.24 13.85 -14.75
N ASP A 110 5.00 14.81 -14.27
CA ASP A 110 6.43 14.84 -14.54
C ASP A 110 7.17 14.34 -13.31
N HIS A 111 8.49 14.41 -13.32
CA HIS A 111 9.26 13.87 -12.22
C HIS A 111 8.96 14.58 -10.92
N ILE A 112 8.82 15.90 -10.96
CA ILE A 112 8.64 16.59 -9.69
C ILE A 112 7.29 16.21 -9.06
N LYS A 113 6.28 15.91 -9.88
CA LYS A 113 5.00 15.41 -9.38
C LYS A 113 5.16 14.02 -8.78
N LEU A 114 5.85 13.13 -9.48
CA LEU A 114 6.13 11.83 -8.90
C LEU A 114 6.80 11.96 -7.55
N LEU A 115 7.71 12.95 -7.41
CA LEU A 115 8.41 13.07 -6.14
C LEU A 115 7.50 13.64 -5.06
N GLN A 116 6.48 14.42 -5.44
CA GLN A 116 5.48 14.84 -4.47
C GLN A 116 4.70 13.64 -3.93
N TYR A 117 4.28 12.76 -4.83
CA TYR A 117 3.58 11.54 -4.40
C TYR A 117 4.49 10.69 -3.51
N THR A 118 5.77 10.56 -3.91
CA THR A 118 6.74 9.81 -3.10
C THR A 118 6.84 10.36 -1.70
N SER A 119 7.03 11.68 -1.58
CA SER A 119 7.15 12.36 -0.29
C SER A 119 5.95 12.10 0.59
N GLN A 120 4.78 12.19 0.01
CA GLN A 120 3.53 11.98 0.74
C GLN A 120 3.38 10.55 1.25
N ILE A 121 3.70 9.58 0.41
CA ILE A 121 3.69 8.19 0.84
C ILE A 121 4.65 8.00 1.98
N CYS A 122 5.84 8.60 1.85
CA CYS A 122 6.86 8.50 2.88
C CYS A 122 6.35 9.03 4.23
N LYS A 123 5.63 10.15 4.22
CA LYS A 123 5.20 10.74 5.48
C LYS A 123 4.09 9.90 6.11
N GLY A 124 3.22 9.34 5.28
CA GLY A 124 2.27 8.36 5.79
C GLY A 124 2.98 7.21 6.50
N MET A 125 4.06 6.72 5.91
CA MET A 125 4.82 5.63 6.51
C MET A 125 5.59 6.04 7.75
N GLU A 126 6.14 7.26 7.79
CA GLU A 126 6.72 7.72 9.05
C GLU A 126 5.68 7.67 10.16
N TYR A 127 4.49 8.15 9.85
CA TYR A 127 3.39 8.15 10.82
C TYR A 127 3.04 6.73 11.27
N LEU A 128 2.90 5.83 10.32
CA LEU A 128 2.60 4.44 10.67
C LEU A 128 3.63 3.86 11.62
N GLY A 129 4.91 4.15 11.40
CA GLY A 129 5.93 3.61 12.27
C GLY A 129 5.88 4.12 13.70
N THR A 130 5.37 5.35 13.91
CA THR A 130 5.22 5.80 15.29
C THR A 130 4.18 4.99 16.08
N LYS A 131 3.27 4.29 15.40
CA LYS A 131 2.33 3.40 16.06
C LYS A 131 2.85 1.97 16.15
N ARG A 132 4.06 1.73 15.62
CA ARG A 132 4.65 0.39 15.54
C ARG A 132 3.82 -0.54 14.68
N TYR A 133 3.23 0.03 13.63
CA TYR A 133 2.51 -0.72 12.62
C TYR A 133 3.42 -1.00 11.41
N ILE A 134 3.31 -2.21 10.88
CA ILE A 134 4.08 -2.64 9.71
C ILE A 134 3.06 -2.86 8.60
N HIS A 135 3.20 -2.13 7.50
CA HIS A 135 2.13 -2.12 6.51
C HIS A 135 2.03 -3.45 5.74
N ARG A 136 3.14 -3.97 5.29
CA ARG A 136 3.31 -5.26 4.61
C ARG A 136 2.69 -5.37 3.22
N ASP A 137 2.16 -4.29 2.67
CA ASP A 137 1.52 -4.35 1.35
C ASP A 137 1.64 -3.01 0.65
N LEU A 138 2.78 -2.35 0.77
CA LEU A 138 2.95 -1.08 0.09
C LEU A 138 3.13 -1.32 -1.39
N ALA A 139 2.35 -0.60 -2.18
CA ALA A 139 2.24 -0.78 -3.61
C ALA A 139 1.31 0.30 -4.15
N THR A 140 1.54 0.74 -5.40
CA THR A 140 0.69 1.82 -5.93
C THR A 140 -0.78 1.45 -6.00
N ARG A 141 -1.09 0.16 -6.09
CA ARG A 141 -2.50 -0.24 -6.05
C ARG A 141 -3.17 0.05 -4.71
N ASN A 142 -2.39 0.31 -3.64
CA ASN A 142 -2.94 0.56 -2.32
C ASN A 142 -2.76 2.00 -1.87
N ILE A 143 -2.50 2.89 -2.83
CA ILE A 143 -2.41 4.33 -2.64
C ILE A 143 -3.58 4.95 -3.41
N LEU A 144 -4.29 5.87 -2.79
CA LEU A 144 -5.44 6.53 -3.38
C LEU A 144 -5.16 8.00 -3.60
N VAL A 145 -5.84 8.60 -4.57
CA VAL A 145 -5.61 9.97 -5.00
C VAL A 145 -6.82 10.82 -4.58
N GLU A 146 -6.59 11.80 -3.71
CA GLU A 146 -7.67 12.71 -3.32
C GLU A 146 -7.86 13.80 -4.36
N ASN A 147 -6.76 14.38 -4.84
CA ASN A 147 -6.79 15.41 -5.87
C ASN A 147 -5.38 15.42 -6.46
N GLU A 148 -5.18 16.29 -7.45
CA GLU A 148 -3.89 16.32 -8.16
C GLU A 148 -2.69 16.52 -7.23
N ASN A 149 -2.90 17.05 -6.02
CA ASN A 149 -1.79 17.38 -5.11
C ASN A 149 -1.76 16.57 -3.83
N ARG A 150 -2.60 15.54 -3.69
CA ARG A 150 -2.67 14.81 -2.44
C ARG A 150 -3.00 13.35 -2.70
N VAL A 151 -2.15 12.47 -2.19
CA VAL A 151 -2.38 11.03 -2.20
C VAL A 151 -2.35 10.54 -0.76
N LYS A 152 -2.97 9.40 -0.52
CA LYS A 152 -3.07 8.82 0.81
C LYS A 152 -2.88 7.31 0.71
N ILE A 153 -2.30 6.71 1.76
CA ILE A 153 -2.27 5.26 1.83
C ILE A 153 -3.70 4.81 2.11
N GLY A 154 -4.21 3.88 1.30
CA GLY A 154 -5.64 3.65 1.27
C GLY A 154 -6.14 2.34 1.82
N ASP A 155 -5.24 1.41 2.12
CA ASP A 155 -5.65 0.06 2.55
C ASP A 155 -4.70 -0.49 3.58
N PHE A 156 -5.17 -1.23 4.58
CA PHE A 156 -4.33 -1.72 5.70
C PHE A 156 -4.70 -3.17 5.99
N GLY A 157 -5.05 -3.95 4.95
CA GLY A 157 -5.56 -5.29 5.18
C GLY A 157 -4.53 -6.29 5.66
N LEU A 158 -3.24 -6.02 5.41
CA LEU A 158 -2.14 -6.89 5.84
C LEU A 158 -1.32 -6.28 6.97
N THR A 159 -1.73 -5.12 7.48
CA THR A 159 -0.95 -4.41 8.48
C THR A 159 -0.97 -5.14 9.81
N LYS A 160 0.18 -5.17 10.45
CA LYS A 160 0.39 -5.90 11.69
C LYS A 160 1.02 -4.95 12.72
N VAL A 161 0.71 -5.18 13.97
CA VAL A 161 1.35 -4.44 15.07
C VAL A 161 2.55 -5.22 15.57
N LEU A 162 3.70 -4.53 15.70
CA LEU A 162 4.88 -5.18 16.23
C LEU A 162 4.61 -5.70 17.64
N PRO A 163 5.14 -6.86 17.99
CA PRO A 163 5.12 -7.24 19.41
C PRO A 163 5.90 -6.23 20.24
N GLN A 164 5.59 -6.22 21.53
CA GLN A 164 6.07 -5.14 22.38
C GLN A 164 7.59 -5.16 22.51
N ASP A 165 8.21 -6.33 22.46
CA ASP A 165 9.64 -6.46 22.74
C ASP A 165 10.44 -6.88 21.51
N LYS A 166 9.87 -6.76 20.32
CA LYS A 166 10.63 -7.12 19.10
C LYS A 166 10.43 -6.08 18.02
N GLU A 167 11.43 -5.97 17.15
CA GLU A 167 11.40 -5.00 16.04
C GLU A 167 11.03 -5.65 14.71
N PTR A 168 10.46 -6.85 14.77
CA PTR A 168 9.96 -7.54 13.59
C PTR A 168 8.74 -8.39 13.99
O PTR A 168 8.61 -8.77 15.16
CB PTR A 168 11.04 -8.40 12.95
CG PTR A 168 11.54 -9.53 13.84
CD1 PTR A 168 12.64 -9.35 14.69
CD2 PTR A 168 10.92 -10.75 13.83
CE1 PTR A 168 13.09 -10.39 15.51
CE2 PTR A 168 11.35 -11.79 14.64
CZ PTR A 168 12.44 -11.60 15.47
OH PTR A 168 12.81 -12.61 16.23
P PTR A 168 14.32 -13.10 16.50
O1P PTR A 168 14.28 -14.60 16.81
O2P PTR A 168 14.89 -12.33 17.72
O3P PTR A 168 15.16 -12.85 15.31
H PTR A 168 10.35 -7.30 15.50
HA PTR A 168 9.69 -6.90 12.90
HB2 PTR A 168 11.80 -7.84 12.73
HB3 PTR A 168 10.68 -8.80 12.14
HD1 PTR A 168 13.08 -8.53 14.70
HD2 PTR A 168 10.18 -10.89 13.28
HE1 PTR A 168 13.81 -10.24 16.08
HE2 PTR A 168 10.92 -12.61 14.63
N TYR A 169 7.85 -8.62 13.02
CA TYR A 169 6.68 -9.51 13.17
C TYR A 169 6.91 -10.71 12.26
N LYS A 170 6.83 -11.91 12.82
CA LYS A 170 7.02 -13.15 12.07
C LYS A 170 5.68 -13.74 11.68
N VAL A 171 5.40 -13.79 10.39
CA VAL A 171 4.19 -14.40 9.88
C VAL A 171 4.36 -15.91 9.81
N LYS A 172 3.33 -16.67 10.23
CA LYS A 172 3.41 -18.16 10.27
C LYS A 172 2.91 -18.73 8.93
N GLU A 173 1.61 -18.70 8.64
CA GLU A 173 1.01 -19.19 7.36
C GLU A 173 0.69 -17.97 6.52
N PRO A 174 1.41 -17.65 5.42
CA PRO A 174 1.19 -16.40 4.69
C PRO A 174 0.25 -16.68 3.52
N GLY A 175 -0.90 -16.01 3.47
CA GLY A 175 -1.86 -16.23 2.38
C GLY A 175 -1.51 -15.28 1.27
N GLU A 176 -2.32 -14.24 1.07
CA GLU A 176 -2.00 -13.18 0.07
C GLU A 176 -0.57 -12.70 0.30
N SER A 177 0.40 -13.10 -0.54
CA SER A 177 1.76 -12.59 -0.42
C SER A 177 2.18 -11.91 -1.71
N PRO A 178 2.36 -10.59 -1.71
CA PRO A 178 2.86 -9.90 -2.91
C PRO A 178 4.37 -10.05 -3.06
N ILE A 179 4.80 -11.24 -3.49
CA ILE A 179 6.22 -11.59 -3.32
C ILE A 179 7.15 -10.65 -4.07
N PHE A 180 6.70 -10.03 -5.18
CA PHE A 180 7.63 -9.21 -5.93
C PHE A 180 7.81 -7.83 -5.33
N TRP A 181 7.17 -7.56 -4.21
CA TRP A 181 7.44 -6.39 -3.41
C TRP A 181 8.17 -6.72 -2.12
N TYR A 182 8.42 -7.98 -1.85
CA TYR A 182 8.94 -8.42 -0.55
C TYR A 182 10.45 -8.26 -0.44
N ALA A 183 10.90 -7.87 0.77
CA ALA A 183 12.29 -7.88 1.12
C ALA A 183 12.81 -9.31 1.22
N PRO A 184 14.11 -9.52 1.01
CA PRO A 184 14.62 -10.90 1.03
C PRO A 184 14.40 -11.61 2.35
N GLU A 185 14.51 -10.93 3.49
CA GLU A 185 14.28 -11.60 4.77
C GLU A 185 12.81 -11.92 5.00
N SER A 186 11.90 -11.23 4.32
CA SER A 186 10.51 -11.64 4.37
C SER A 186 10.31 -12.92 3.59
N LEU A 187 11.01 -13.07 2.48
CA LEU A 187 10.92 -14.30 1.70
C LEU A 187 11.56 -15.48 2.40
N THR A 188 12.69 -15.27 3.07
CA THR A 188 13.48 -16.38 3.61
C THR A 188 13.21 -16.67 5.08
N GLU A 189 12.71 -15.70 5.84
CA GLU A 189 12.52 -15.86 7.28
C GLU A 189 11.12 -15.46 7.74
N SER A 190 10.28 -14.95 6.84
CA SER A 190 8.90 -14.52 7.15
C SER A 190 8.91 -13.32 8.10
N LYS A 191 9.97 -12.53 8.09
CA LYS A 191 10.15 -11.41 8.99
C LYS A 191 9.73 -10.11 8.30
N PHE A 192 8.90 -9.35 8.98
CA PHE A 192 8.39 -8.07 8.50
C PHE A 192 8.68 -6.99 9.52
N SER A 193 9.15 -5.86 9.05
CA SER A 193 9.63 -4.79 9.92
C SER A 193 9.44 -3.45 9.23
N VAL A 194 9.78 -2.37 9.95
CA VAL A 194 9.83 -1.08 9.29
C VAL A 194 10.79 -1.14 8.10
N ALA A 195 11.90 -1.83 8.27
CA ALA A 195 12.91 -1.89 7.22
C ALA A 195 12.43 -2.66 6.00
N SER A 196 11.57 -3.67 6.20
CA SER A 196 11.02 -4.36 5.02
C SER A 196 10.00 -3.49 4.35
N ASP A 197 9.26 -2.67 5.11
CA ASP A 197 8.42 -1.65 4.47
C ASP A 197 9.29 -0.70 3.62
N VAL A 198 10.48 -0.35 4.09
CA VAL A 198 11.34 0.53 3.29
C VAL A 198 11.75 -0.14 1.97
N TRP A 199 12.08 -1.44 2.03
CA TRP A 199 12.34 -2.19 0.80
C TRP A 199 11.16 -2.06 -0.16
N SER A 200 9.95 -2.33 0.34
CA SER A 200 8.79 -2.26 -0.52
C SER A 200 8.56 -0.85 -1.03
N PHE A 201 8.86 0.16 -0.20
CA PHE A 201 8.74 1.54 -0.66
C PHE A 201 9.64 1.78 -1.87
N GLY A 202 10.84 1.20 -1.87
CA GLY A 202 11.70 1.27 -3.04
C GLY A 202 11.05 0.68 -4.28
N VAL A 203 10.26 -0.39 -4.10
CA VAL A 203 9.49 -0.95 -5.22
C VAL A 203 8.38 0.01 -5.66
N VAL A 204 7.70 0.66 -4.70
CA VAL A 204 6.70 1.68 -5.04
C VAL A 204 7.33 2.79 -5.87
N LEU A 205 8.52 3.23 -5.47
CA LEU A 205 9.19 4.31 -6.18
C LEU A 205 9.53 3.90 -7.62
N TYR A 206 10.01 2.65 -7.77
CA TYR A 206 10.18 2.04 -9.08
C TYR A 206 8.87 2.10 -9.88
N GLU A 207 7.78 1.63 -9.28
CA GLU A 207 6.50 1.65 -9.97
C GLU A 207 6.18 3.05 -10.48
N LEU A 208 6.32 4.05 -9.61
CA LEU A 208 5.98 5.41 -10.01
C LEU A 208 6.76 5.79 -11.27
N PHE A 209 8.05 5.54 -11.26
CA PHE A 209 8.85 6.04 -12.39
C PHE A 209 8.73 5.16 -13.64
N THR A 210 8.03 4.02 -13.56
CA THR A 210 7.64 3.32 -14.78
C THR A 210 6.34 3.87 -15.38
N TYR A 211 5.60 4.68 -14.65
CA TYR A 211 4.27 5.14 -15.08
C TYR A 211 3.32 3.97 -15.35
N ILE A 212 3.57 2.83 -14.73
CA ILE A 212 2.76 1.60 -14.86
C ILE A 212 2.69 1.19 -16.34
N GLU A 213 3.78 1.40 -17.06
CA GLU A 213 3.85 0.97 -18.45
C GLU A 213 3.74 -0.55 -18.59
N LYS A 214 3.11 -0.96 -19.68
CA LYS A 214 2.97 -2.39 -19.97
C LYS A 214 4.34 -3.04 -20.02
N SER A 215 4.47 -4.13 -19.28
CA SER A 215 5.62 -5.03 -19.23
C SER A 215 6.69 -4.54 -18.26
N LYS A 216 6.54 -3.38 -17.64
CA LYS A 216 7.52 -2.87 -16.70
C LYS A 216 7.15 -3.12 -15.24
N SER A 217 6.04 -3.79 -14.93
CA SER A 217 5.67 -3.96 -13.54
C SER A 217 6.68 -4.86 -12.84
N PRO A 218 6.74 -4.82 -11.53
CA PRO A 218 7.70 -5.70 -10.83
C PRO A 218 7.50 -7.17 -11.15
N PRO A 219 6.27 -7.69 -11.14
CA PRO A 219 6.11 -9.11 -11.54
C PRO A 219 6.62 -9.37 -12.94
N ALA A 220 6.32 -8.48 -13.89
CA ALA A 220 6.71 -8.76 -15.26
C ALA A 220 8.22 -8.74 -15.38
N GLU A 221 8.87 -7.80 -14.72
CA GLU A 221 10.32 -7.71 -14.84
C GLU A 221 11.01 -8.86 -14.14
N PHE A 222 10.61 -9.17 -12.91
CA PHE A 222 11.24 -10.28 -12.21
C PHE A 222 11.01 -11.59 -12.95
N MET A 223 9.81 -11.80 -13.50
CA MET A 223 9.56 -13.01 -14.27
C MET A 223 10.41 -13.08 -15.52
N ARG A 224 10.62 -11.96 -16.20
CA ARG A 224 11.51 -11.97 -17.37
C ARG A 224 12.93 -12.36 -16.96
N MET A 225 13.41 -11.86 -15.80
CA MET A 225 14.76 -12.22 -15.38
C MET A 225 14.86 -13.67 -14.93
N ILE A 226 13.83 -14.16 -14.24
CA ILE A 226 13.80 -15.54 -13.72
C ILE A 226 13.56 -16.53 -14.85
N GLY A 227 12.74 -16.16 -15.82
CA GLY A 227 12.31 -17.04 -16.89
C GLY A 227 10.82 -17.23 -16.83
N ASN A 228 10.10 -16.78 -17.85
CA ASN A 228 8.64 -16.75 -17.81
C ASN A 228 8.01 -18.13 -17.75
N ASP A 229 8.76 -19.19 -18.03
CA ASP A 229 8.20 -20.53 -18.00
C ASP A 229 8.13 -21.13 -16.59
N LYS A 230 8.78 -20.54 -15.60
CA LYS A 230 8.82 -21.14 -14.28
C LYS A 230 7.48 -21.00 -13.56
N GLN A 231 7.19 -21.97 -12.70
CA GLN A 231 5.88 -22.08 -12.07
C GLN A 231 6.04 -22.46 -10.62
N GLY A 232 5.12 -21.99 -9.79
CA GLY A 232 5.05 -22.40 -8.41
C GLY A 232 6.28 -22.01 -7.60
N GLN A 233 6.64 -22.90 -6.68
CA GLN A 233 7.70 -22.58 -5.71
C GLN A 233 9.02 -22.33 -6.39
N MET A 234 9.23 -22.89 -7.58
CA MET A 234 10.48 -22.62 -8.29
C MET A 234 10.69 -21.13 -8.47
N ILE A 235 9.63 -20.40 -8.82
CA ILE A 235 9.72 -18.95 -8.96
C ILE A 235 10.32 -18.35 -7.71
N VAL A 236 9.83 -18.75 -6.55
CA VAL A 236 10.30 -18.19 -5.29
C VAL A 236 11.76 -18.53 -5.09
N PHE A 237 12.12 -19.80 -5.37
CA PHE A 237 13.51 -20.19 -5.17
C PHE A 237 14.40 -19.27 -6.00
N HIS A 238 14.01 -19.01 -7.25
CA HIS A 238 14.87 -18.23 -8.13
C HIS A 238 14.89 -16.76 -7.70
N LEU A 239 13.75 -16.26 -7.21
CA LEU A 239 13.67 -14.87 -6.76
C LEU A 239 14.59 -14.66 -5.56
N ILE A 240 14.61 -15.62 -4.64
CA ILE A 240 15.48 -15.51 -3.50
C ILE A 240 16.94 -15.48 -3.95
N GLU A 241 17.31 -16.42 -4.81
CA GLU A 241 18.71 -16.47 -5.30
C GLU A 241 19.06 -15.19 -6.02
N LEU A 242 18.13 -14.67 -6.82
CA LEU A 242 18.37 -13.44 -7.54
C LEU A 242 18.63 -12.28 -6.58
N LEU A 243 17.77 -12.12 -5.57
CA LEU A 243 17.91 -10.95 -4.72
C LEU A 243 19.15 -11.04 -3.85
N LYS A 244 19.45 -12.23 -3.34
CA LYS A 244 20.55 -12.41 -2.45
C LYS A 244 21.86 -12.01 -3.11
N ASN A 245 21.96 -12.18 -4.43
CA ASN A 245 23.19 -11.93 -5.18
C ASN A 245 23.03 -10.71 -6.09
N ASN A 246 22.22 -9.75 -5.65
CA ASN A 246 22.18 -8.39 -6.15
C ASN A 246 21.41 -8.21 -7.43
N GLY A 247 20.56 -9.15 -7.83
CA GLY A 247 19.67 -8.88 -8.94
C GLY A 247 18.62 -7.88 -8.48
N ARG A 248 18.24 -6.98 -9.38
CA ARG A 248 17.38 -5.87 -9.03
C ARG A 248 16.58 -5.45 -10.24
N LEU A 249 15.42 -4.86 -9.98
CA LEU A 249 14.65 -4.18 -11.00
C LEU A 249 15.52 -3.15 -11.69
N PRO A 250 15.32 -2.96 -13.01
CA PRO A 250 16.15 -2.00 -13.76
C PRO A 250 15.75 -0.54 -13.51
N ARG A 251 16.65 0.36 -13.83
CA ARG A 251 16.29 1.77 -13.83
C ARG A 251 15.22 2.03 -14.88
N PRO A 252 14.03 2.54 -14.51
CA PRO A 252 13.01 2.81 -15.52
C PRO A 252 13.47 3.77 -16.58
N ASP A 253 12.89 3.62 -17.78
CA ASP A 253 13.16 4.57 -18.85
C ASP A 253 12.93 6.00 -18.38
N GLY A 254 13.93 6.84 -18.58
CA GLY A 254 13.83 8.25 -18.24
C GLY A 254 14.07 8.56 -16.79
N CYS A 255 14.32 7.56 -15.95
CA CYS A 255 14.46 7.81 -14.52
C CYS A 255 15.81 8.40 -14.23
N PRO A 256 15.89 9.51 -13.50
CA PRO A 256 17.20 10.06 -13.16
C PRO A 256 18.02 9.09 -12.33
N ASP A 257 19.35 9.15 -12.51
CA ASP A 257 20.21 8.29 -11.71
C ASP A 257 20.02 8.54 -10.22
N GLU A 258 19.82 9.80 -9.82
CA GLU A 258 19.69 10.11 -8.40
C GLU A 258 18.50 9.37 -7.78
N ILE A 259 17.42 9.23 -8.56
CA ILE A 259 16.22 8.58 -8.02
C ILE A 259 16.39 7.06 -8.01
N TYR A 260 17.01 6.50 -9.06
CA TYR A 260 17.37 5.09 -9.03
C TYR A 260 18.29 4.79 -7.85
N MET A 261 19.18 5.73 -7.48
CA MET A 261 20.06 5.46 -6.35
C MET A 261 19.27 5.36 -5.06
N ILE A 262 18.20 6.16 -4.93
CA ILE A 262 17.31 5.99 -3.79
C ILE A 262 16.70 4.60 -3.77
N MET A 263 16.15 4.18 -4.91
CA MET A 263 15.57 2.86 -4.98
C MET A 263 16.59 1.80 -4.54
N THR A 264 17.82 1.89 -5.06
CA THR A 264 18.78 0.83 -4.75
C THR A 264 19.20 0.87 -3.29
N GLU A 265 19.23 2.07 -2.65
CA GLU A 265 19.54 2.11 -1.22
C GLU A 265 18.42 1.50 -0.39
N CYS A 266 17.18 1.62 -0.83
CA CYS A 266 16.09 0.93 -0.16
C CYS A 266 16.22 -0.59 -0.31
N TRP A 267 16.78 -1.03 -1.42
CA TRP A 267 16.90 -2.46 -1.72
C TRP A 267 18.24 -3.00 -1.26
N ASN A 268 18.57 -2.77 0.00
CA ASN A 268 19.78 -3.29 0.62
C ASN A 268 19.46 -4.60 1.30
N ASN A 269 20.21 -5.65 0.98
CA ASN A 269 20.02 -6.89 1.72
C ASN A 269 20.35 -6.73 3.19
N ASN A 270 21.21 -5.77 3.54
CA ASN A 270 21.49 -5.52 4.95
C ASN A 270 20.38 -4.66 5.52
N VAL A 271 19.53 -5.29 6.33
CA VAL A 271 18.32 -4.64 6.85
C VAL A 271 18.67 -3.32 7.54
N ASN A 272 19.64 -3.33 8.46
CA ASN A 272 20.01 -2.14 9.23
C ASN A 272 20.59 -1.00 8.39
N GLN A 273 21.05 -1.28 7.18
CA GLN A 273 21.62 -0.22 6.35
C GLN A 273 20.58 0.47 5.47
N ARG A 274 19.35 -0.01 5.41
CA ARG A 274 18.36 0.71 4.62
C ARG A 274 18.08 2.06 5.26
N PRO A 275 17.76 3.08 4.47
CA PRO A 275 17.42 4.38 5.05
C PRO A 275 16.14 4.31 5.85
N SER A 276 15.96 5.28 6.74
CA SER A 276 14.68 5.42 7.42
C SER A 276 13.68 6.19 6.57
N PHE A 277 12.39 6.08 6.91
CA PHE A 277 11.39 6.87 6.19
C PHE A 277 11.59 8.37 6.43
N ARG A 278 12.12 8.74 7.60
CA ARG A 278 12.44 10.16 7.85
C ARG A 278 13.57 10.64 6.93
N ASP A 279 14.64 9.84 6.86
CA ASP A 279 15.73 10.09 5.91
C ASP A 279 15.18 10.31 4.51
N LEU A 280 14.33 9.40 4.05
CA LEU A 280 13.83 9.44 2.69
C LEU A 280 12.95 10.66 2.45
N ALA A 281 12.05 10.96 3.39
CA ALA A 281 11.19 12.10 3.18
C ALA A 281 12.02 13.39 3.04
N LEU A 282 13.03 13.59 3.90
CA LEU A 282 13.87 14.77 3.79
C LEU A 282 14.67 14.78 2.50
N ARG A 283 15.24 13.63 2.12
CA ARG A 283 16.01 13.59 0.88
C ARG A 283 15.16 13.95 -0.33
N VAL A 284 13.98 13.33 -0.43
CA VAL A 284 13.11 13.61 -1.56
C VAL A 284 12.64 15.07 -1.56
N ASP A 285 12.26 15.61 -0.38
CA ASP A 285 11.78 16.99 -0.36
C ASP A 285 12.90 17.99 -0.68
N GLN A 286 14.14 17.64 -0.32
CA GLN A 286 15.29 18.47 -0.67
C GLN A 286 15.57 18.41 -2.17
N ILE A 287 15.45 17.24 -2.79
CA ILE A 287 15.52 17.15 -4.26
C ILE A 287 14.47 18.03 -4.90
N ARG A 288 13.21 17.93 -4.46
CA ARG A 288 12.16 18.75 -5.03
C ARG A 288 12.49 20.23 -4.89
N ASP A 289 12.91 20.60 -3.70
CA ASP A 289 13.16 22.00 -3.38
C ASP A 289 14.37 22.54 -4.13
N ASN A 290 15.31 21.69 -4.45
CA ASN A 290 16.49 22.11 -5.18
C ASN A 290 16.32 22.05 -6.69
N MET A 291 15.36 21.28 -7.19
CA MET A 291 14.94 21.47 -8.58
C MET A 291 14.31 22.86 -8.56
N ALA A 292 13.10 22.94 -8.00
CA ALA A 292 12.44 24.21 -7.75
C ALA A 292 11.56 24.01 -6.53
N GLY A 293 11.72 24.88 -5.53
CA GLY A 293 10.88 24.83 -4.35
C GLY A 293 9.42 24.85 -4.71
C1 EDO B . -2.39 11.10 16.50
O1 EDO B . -1.77 9.91 16.03
C2 EDO B . -3.85 11.23 16.10
O2 EDO B . -4.23 12.57 16.46
H11 EDO B . -2.33 11.12 17.59
H12 EDO B . -1.84 11.96 16.12
HO1 EDO B . -0.86 9.87 16.34
H21 EDO B . -3.97 11.07 15.03
H22 EDO B . -4.47 10.50 16.62
HO2 EDO B . -5.14 12.73 16.16
C10 Y5G C . -9.79 0.97 -2.26
C13 Y5G C . -11.23 3.68 -1.41
C15 Y5G C . -11.22 4.29 0.75
C17 Y5G C . -11.69 4.97 -1.25
C21 Y5G C . -12.39 5.61 -6.02
C22 Y5G C . -12.84 6.64 -6.81
C24 Y5G C . -12.52 5.29 -8.77
C26 Y5G C . -12.87 3.84 -10.77
C04 Y5G C . -8.86 -1.83 -1.42
C05 Y5G C . -8.56 -1.15 -2.70
C06 Y5G C . -7.09 -0.77 -2.91
C07 Y5G C . -6.69 0.45 -2.08
C11 Y5G C . -10.58 1.81 -3.07
C12 Y5G C . -11.17 3.14 -2.73
C14 Y5G C . -10.98 3.21 -0.09
C19 Y5G C . -11.94 5.11 -3.54
C23 Y5G C . -12.86 6.49 -8.19
C25 Y5G C . -12.57 5.18 -10.34
C27 Y5G C . -12.82 3.74 -12.33
C29 Y5G C . -10.69 3.55 -12.86
C30 Y5G C . -11.28 5.61 -12.41
C31 Y5G C . -11.33 5.66 -10.88
C32 Y5G C . -12.07 4.27 -7.98
C33 Y5G C . -12.03 4.40 -6.59
C35 Y5G C . -10.48 1.31 -4.37
C37 Y5G C . -8.84 -2.39 -3.45
C38 Y5G C . -9.06 -5.87 -1.79
C39 Y5G C . -8.84 -6.26 -0.33
N03 Y5G C . -8.98 -3.08 -2.17
N08 Y5G C . -6.42 1.38 -1.48
N09 Y5G C . -9.41 -0.05 -3.05
N16 Y5G C . -11.64 5.33 0.04
N18 Y5G C . -12.03 5.69 -2.36
N20 Y5G C . -12.38 5.92 -4.62
N28 Y5G C . -11.64 4.32 -12.91
N34 Y5G C . -11.52 3.88 -3.75
N36 Y5G C . -9.79 0.17 -4.35
O01 Y5G C . -10.73 -4.14 -0.60
O40 Y5G C . -10.98 -4.33 -2.95
S02 Y5G C . -10.05 -4.33 -1.85
H101 Y5G C . -9.54 1.13 -1.21
H151 Y5G C . -11.09 4.29 1.82
H221 Y5G C . -13.19 7.56 -6.35
H262 Y5G C . -12.14 3.16 -10.36
H261 Y5G C . -13.84 3.55 -10.42
H042 Y5G C . -8.02 -1.81 -0.72
H041 Y5G C . -9.80 -1.50 -0.97
H061 Y5G C . -6.93 -0.55 -3.96
H062 Y5G C . -6.46 -1.62 -2.62
H141 Y5G C . -10.65 2.20 0.20
H231 Y5G C . -13.15 7.32 -8.82
H251 Y5G C . -13.43 5.76 -10.67
H271 Y5G C . -13.69 4.24 -12.73
H272 Y5G C . -12.86 2.68 -12.60
H293 Y5G C . -10.92 2.64 -13.41
H291 Y5G C . -10.47 3.30 -11.82
H292 Y5G C . -9.82 4.03 -13.31
H301 Y5G C . -11.97 6.35 -12.82
H302 Y5G C . -10.27 5.85 -12.74
H311 Y5G C . -10.53 5.04 -10.49
H312 Y5G C . -11.19 6.67 -10.56
H321 Y5G C . -11.76 3.34 -8.42
H331 Y5G C . -11.70 3.58 -5.97
H351 Y5G C . -10.89 1.78 -5.26
H372 Y5G C . -9.77 -2.35 -4.02
H371 Y5G C . -7.98 -2.75 -4.04
H382 Y5G C . -9.60 -6.66 -2.32
H381 Y5G C . -8.10 -5.70 -2.29
H392 Y5G C . -9.80 -6.39 0.16
H393 Y5G C . -8.29 -5.48 0.17
H391 Y5G C . -8.29 -7.19 -0.28
H161 Y5G C . -11.88 6.23 0.40
H201 Y5G C . -12.73 6.83 -4.38
#